data_6PVF
#
_entry.id   6PVF
#
_cell.length_a   47.950
_cell.length_b   82.359
_cell.length_c   119.316
_cell.angle_alpha   90.000
_cell.angle_beta   90.000
_cell.angle_gamma   90.000
#
_symmetry.space_group_name_H-M   'P 21 21 21'
#
loop_
_entity.id
_entity.type
_entity.pdbx_description
1 polymer 'FAD monooxygenase'
2 non-polymer 'FLAVIN-ADENINE DINUCLEOTIDE'
3 non-polymer (5aS,12aS,13aS)-9-chloro-12,12-dimethyl-2,3,11,12,12a,13-hexahydro-1H,5H,6H-5a,13a-(epiminomethano)indolizino[7,6-b]carbazol-14-one
4 water water
#
_entity_poly.entity_id   1
_entity_poly.type   'polypeptide(L)'
_entity_poly.pdbx_seq_one_letter_code
;MGSLGEEVQVIIVGLGIVGLAAAIECREKGHSVHAFEKSNILKSIGDCIGLQSNATRIIKRWGDGAVHEALRPWIVSSKE
IRIHNSSGRLIIRQDLSEVCEQPNYLLPRSELIRVMYEHALKIGVEISLGVEVCEPSEDEEGASVVALTRDGERQIVRGD
FIICSDGVHSKMRKAIMPQPVEPRPSGYAAFRALVDTETLKGDPEASWVFEGVEENDRFDVFFLSGAQIALQSCNKGKVF
SWFCIHQDTRNLLDVWTSPADPNEMLDLIKVWPIGQRLWSVIRHTQPQKFINYPLLNHKPLDHWVSSHGRLILIGDAAHP
LSPAAGQGASQGIEDANVLATSLSLAGRQRVSLALHVAERIRYARASAVQLISHRVNEGWRNQDWDAYEPNEQNIASLPL
ETWIYGHDSQAYTEQEFE(MSE)VVRAVQEGEEYHATNLPDKLRVQLGIRNVDVKEPLQNKSP
;
_entity_poly.pdbx_strand_id   A
#
loop_
_chem_comp.id
_chem_comp.type
_chem_comp.name
_chem_comp.formula
FAD non-polymer 'FLAVIN-ADENINE DINUCLEOTIDE' 'C27 H33 N9 O15 P2'
MB5 non-polymer (5aS,12aS,13aS)-9-chloro-12,12-dimethyl-2,3,11,12,12a,13-hexahydro-1H,5H,6H-5a,13a-(epiminomethano)indolizino[7,6-b]carbazol-14-one 'C21 H24 Cl N3 O'
#
# COMPACT_ATOMS: atom_id res chain seq x y z
N GLY A 5 -6.38 11.02 -34.10
CA GLY A 5 -7.00 9.74 -33.80
C GLY A 5 -6.04 8.78 -33.11
N GLU A 6 -5.07 9.36 -32.43
CA GLU A 6 -4.01 8.63 -31.75
C GLU A 6 -4.30 8.59 -30.25
N GLU A 7 -4.03 7.45 -29.63
CA GLU A 7 -4.23 7.32 -28.20
C GLU A 7 -3.19 8.14 -27.43
N VAL A 8 -3.55 8.52 -26.20
CA VAL A 8 -2.55 9.01 -25.25
C VAL A 8 -1.53 7.89 -25.02
N GLN A 9 -0.25 8.26 -25.03
CA GLN A 9 0.86 7.32 -24.78
C GLN A 9 1.35 7.53 -23.35
N VAL A 10 0.98 6.62 -22.45
CA VAL A 10 1.38 6.70 -21.06
C VAL A 10 2.65 5.88 -20.84
N ILE A 11 3.64 6.46 -20.16
CA ILE A 11 4.82 5.73 -19.70
C ILE A 11 4.69 5.50 -18.21
N ILE A 12 4.96 4.27 -17.74
CA ILE A 12 4.89 3.94 -16.33
C ILE A 12 6.24 3.41 -15.86
N VAL A 13 6.76 3.97 -14.77
CA VAL A 13 8.06 3.60 -14.21
C VAL A 13 7.81 2.87 -12.89
N GLY A 14 7.98 1.55 -12.93
CA GLY A 14 7.83 0.71 -11.76
C GLY A 14 6.51 -0.04 -11.76
N LEU A 15 6.59 -1.36 -11.62
CA LEU A 15 5.41 -2.21 -11.59
C LEU A 15 5.33 -2.92 -10.24
N GLY A 16 5.31 -2.15 -9.16
CA GLY A 16 4.76 -2.65 -7.92
C GLY A 16 3.24 -2.66 -8.00
N ILE A 17 2.56 -2.70 -6.85
CA ILE A 17 1.10 -2.73 -6.88
C ILE A 17 0.54 -1.50 -7.58
N VAL A 18 1.12 -0.31 -7.32
CA VAL A 18 0.53 0.93 -7.81
C VAL A 18 0.77 1.09 -9.31
N GLY A 19 1.97 0.76 -9.79
CA GLY A 19 2.23 0.83 -11.21
C GLY A 19 1.36 -0.12 -11.99
N LEU A 20 1.14 -1.32 -11.46
CA LEU A 20 0.25 -2.25 -12.15
C LEU A 20 -1.18 -1.72 -12.15
N ALA A 21 -1.62 -1.13 -11.04
CA ALA A 21 -2.97 -0.56 -11.00
C ALA A 21 -3.10 0.61 -11.97
N ALA A 22 -2.06 1.45 -12.06
CA ALA A 22 -2.07 2.56 -13.01
C ALA A 22 -2.10 2.06 -14.45
N ALA A 23 -1.36 1.00 -14.74
CA ALA A 23 -1.35 0.45 -16.09
C ALA A 23 -2.72 -0.07 -16.45
N ILE A 24 -3.35 -0.81 -15.54
CA ILE A 24 -4.67 -1.38 -15.80
C ILE A 24 -5.70 -0.27 -15.96
N GLU A 25 -5.70 0.70 -15.03
CA GLU A 25 -6.65 1.81 -15.11
C GLU A 25 -6.52 2.57 -16.42
N CYS A 26 -5.29 2.92 -16.79
CA CYS A 26 -5.08 3.72 -17.99
C CYS A 26 -5.49 2.95 -19.24
N ARG A 27 -5.09 1.67 -19.32
CA ARG A 27 -5.39 0.86 -20.50
C ARG A 27 -6.89 0.57 -20.62
N GLU A 28 -7.55 0.27 -19.51
CA GLU A 28 -8.98 0.01 -19.59
C GLU A 28 -9.78 1.27 -19.96
N LYS A 29 -9.23 2.44 -19.67
CA LYS A 29 -9.87 3.69 -20.06
C LYS A 29 -9.41 4.19 -21.43
N GLY A 30 -8.81 3.31 -22.23
CA GLY A 30 -8.57 3.60 -23.63
C GLY A 30 -7.27 4.30 -23.96
N HIS A 31 -6.28 4.25 -23.09
CA HIS A 31 -5.00 4.88 -23.33
C HIS A 31 -3.94 3.81 -23.56
N SER A 32 -2.93 4.15 -24.36
N SER A 32 -2.94 4.14 -24.38
CA SER A 32 -1.81 3.25 -24.62
CA SER A 32 -1.82 3.25 -24.59
C SER A 32 -0.80 3.34 -23.48
C SER A 32 -0.86 3.33 -23.41
N VAL A 33 -0.32 2.19 -23.01
CA VAL A 33 0.54 2.10 -21.84
C VAL A 33 1.80 1.31 -22.18
N HIS A 34 2.97 1.89 -21.89
CA HIS A 34 4.22 1.16 -21.92
C HIS A 34 4.85 1.28 -20.54
N ALA A 35 4.83 0.18 -19.80
CA ALA A 35 5.35 0.15 -18.44
C ALA A 35 6.71 -0.52 -18.39
N PHE A 36 7.54 -0.03 -17.47
CA PHE A 36 8.92 -0.47 -17.33
C PHE A 36 9.18 -0.89 -15.90
N GLU A 37 9.98 -1.93 -15.71
CA GLU A 37 10.24 -2.45 -14.37
C GLU A 37 11.62 -3.09 -14.35
N LYS A 38 12.41 -2.78 -13.33
CA LYS A 38 13.79 -3.26 -13.35
C LYS A 38 13.94 -4.73 -12.94
N SER A 39 12.99 -5.30 -12.19
CA SER A 39 13.15 -6.61 -11.59
C SER A 39 12.15 -7.62 -12.12
N ASN A 40 12.44 -8.89 -11.86
CA ASN A 40 11.44 -9.95 -12.01
C ASN A 40 10.42 -9.82 -10.88
N ILE A 41 9.31 -9.14 -11.14
CA ILE A 41 8.31 -8.88 -10.10
C ILE A 41 7.48 -10.09 -9.76
N LEU A 42 7.65 -11.20 -10.46
CA LEU A 42 6.91 -12.40 -10.12
C LEU A 42 7.57 -13.22 -9.01
N LYS A 43 8.80 -12.88 -8.61
CA LYS A 43 9.50 -13.69 -7.62
C LYS A 43 8.79 -13.63 -6.26
N SER A 44 8.84 -14.74 -5.54
CA SER A 44 8.21 -14.82 -4.22
C SER A 44 9.06 -14.04 -3.23
N ILE A 45 8.55 -12.89 -2.79
CA ILE A 45 9.25 -12.06 -1.81
C ILE A 45 8.20 -11.28 -1.02
N GLY A 46 8.52 -10.97 0.24
CA GLY A 46 7.60 -10.24 1.09
C GLY A 46 6.56 -11.16 1.73
N ASP A 47 5.55 -10.56 2.35
CA ASP A 47 4.50 -11.39 2.92
C ASP A 47 3.13 -10.96 2.39
N CYS A 48 2.19 -10.59 3.24
CA CYS A 48 0.83 -10.34 2.81
C CYS A 48 0.51 -8.86 2.68
N ILE A 49 -0.34 -8.55 1.71
CA ILE A 49 -0.85 -7.20 1.47
C ILE A 49 -2.34 -7.20 1.76
N GLY A 50 -2.81 -6.18 2.48
CA GLY A 50 -4.24 -5.97 2.71
C GLY A 50 -4.76 -4.88 1.79
N LEU A 51 -5.93 -5.12 1.22
CA LEU A 51 -6.62 -4.13 0.39
C LEU A 51 -8.01 -3.89 0.98
N GLN A 52 -8.30 -2.64 1.34
CA GLN A 52 -9.58 -2.33 1.96
C GLN A 52 -10.60 -1.94 0.89
N SER A 53 -11.82 -1.60 1.34
CA SER A 53 -12.95 -1.45 0.43
C SER A 53 -12.79 -0.27 -0.53
N ASN A 54 -12.03 0.76 -0.14
CA ASN A 54 -11.78 1.82 -1.10
C ASN A 54 -10.96 1.32 -2.28
N ALA A 55 -10.11 0.32 -2.08
CA ALA A 55 -9.38 -0.26 -3.19
C ALA A 55 -10.19 -1.33 -3.91
N THR A 56 -10.92 -2.19 -3.20
CA THR A 56 -11.65 -3.24 -3.91
C THR A 56 -12.76 -2.64 -4.78
N ARG A 57 -13.34 -1.51 -4.36
CA ARG A 57 -14.31 -0.78 -5.17
C ARG A 57 -13.73 -0.46 -6.55
N ILE A 58 -12.48 0.00 -6.58
CA ILE A 58 -11.80 0.30 -7.83
C ILE A 58 -11.51 -0.99 -8.61
N ILE A 59 -10.94 -1.99 -7.92
CA ILE A 59 -10.54 -3.25 -8.57
C ILE A 59 -11.75 -3.94 -9.18
N LYS A 60 -12.92 -3.82 -8.55
CA LYS A 60 -14.13 -4.49 -9.03
C LYS A 60 -14.49 -4.11 -10.46
N ARG A 61 -14.12 -2.90 -10.89
CA ARG A 61 -14.45 -2.47 -12.24
C ARG A 61 -13.56 -3.10 -13.31
N TRP A 62 -12.37 -3.56 -12.95
CA TRP A 62 -11.38 -3.98 -13.94
C TRP A 62 -11.88 -5.22 -14.69
N GLY A 63 -11.77 -5.18 -16.02
CA GLY A 63 -12.22 -6.31 -16.81
C GLY A 63 -13.63 -6.75 -16.52
N ASP A 64 -14.53 -5.80 -16.25
CA ASP A 64 -15.94 -6.12 -15.95
C ASP A 64 -16.05 -7.18 -14.86
N GLY A 65 -15.16 -7.11 -13.86
CA GLY A 65 -15.19 -8.01 -12.73
C GLY A 65 -14.21 -9.16 -12.77
N ALA A 66 -13.42 -9.28 -13.85
CA ALA A 66 -12.53 -10.42 -13.98
C ALA A 66 -11.52 -10.49 -12.85
N VAL A 67 -10.91 -9.35 -12.48
CA VAL A 67 -9.86 -9.39 -11.46
C VAL A 67 -10.46 -9.71 -10.10
N HIS A 68 -11.63 -9.16 -9.80
CA HIS A 68 -12.30 -9.51 -8.55
C HIS A 68 -12.56 -11.01 -8.48
N GLU A 69 -12.97 -11.62 -9.59
CA GLU A 69 -13.24 -13.06 -9.55
C GLU A 69 -11.94 -13.83 -9.32
N ALA A 70 -10.82 -13.35 -9.88
CA ALA A 70 -9.54 -13.99 -9.61
C ALA A 70 -9.14 -13.82 -8.14
N LEU A 71 -9.55 -12.72 -7.52
CA LEU A 71 -9.15 -12.43 -6.14
C LEU A 71 -10.15 -12.96 -5.11
N ARG A 72 -11.28 -13.50 -5.57
CA ARG A 72 -12.32 -13.97 -4.65
C ARG A 72 -11.82 -14.93 -3.58
N PRO A 73 -10.88 -15.85 -3.84
CA PRO A 73 -10.40 -16.72 -2.74
C PRO A 73 -9.78 -15.96 -1.58
N TRP A 74 -9.37 -14.72 -1.79
CA TRP A 74 -8.63 -13.92 -0.82
C TRP A 74 -9.53 -12.91 -0.10
N ILE A 75 -10.84 -12.94 -0.35
CA ILE A 75 -11.76 -12.04 0.33
C ILE A 75 -11.73 -12.33 1.83
N VAL A 76 -11.54 -11.27 2.63
CA VAL A 76 -11.42 -11.44 4.08
C VAL A 76 -12.75 -11.89 4.66
N SER A 77 -12.71 -12.95 5.47
CA SER A 77 -13.92 -13.48 6.09
C SER A 77 -13.92 -13.34 7.61
N SER A 78 -12.90 -12.70 8.18
CA SER A 78 -12.93 -12.37 9.60
C SER A 78 -14.10 -11.44 9.87
N LYS A 79 -14.89 -11.76 10.89
CA LYS A 79 -15.97 -10.90 11.33
C LYS A 79 -15.56 -10.00 12.48
N GLU A 80 -14.41 -10.26 13.09
CA GLU A 80 -13.99 -9.51 14.27
C GLU A 80 -12.48 -9.61 14.40
N ILE A 81 -11.90 -8.65 15.12
CA ILE A 81 -10.53 -8.74 15.59
C ILE A 81 -10.57 -9.21 17.03
N ARG A 82 -9.85 -10.29 17.33
CA ARG A 82 -9.78 -10.84 18.69
C ARG A 82 -8.54 -10.27 19.39
N ILE A 83 -8.76 -9.43 20.40
CA ILE A 83 -7.68 -8.69 21.06
C ILE A 83 -7.32 -9.41 22.36
N HIS A 84 -6.05 -9.80 22.49
CA HIS A 84 -5.59 -10.58 23.65
C HIS A 84 -4.48 -9.85 24.39
N ASN A 85 -4.32 -10.20 25.67
CA ASN A 85 -3.19 -9.71 26.45
C ASN A 85 -2.04 -10.73 26.48
N SER A 86 -1.06 -10.49 27.35
CA SER A 86 0.15 -11.30 27.38
C SER A 86 -0.06 -12.68 27.98
N SER A 87 -1.22 -12.95 28.57
CA SER A 87 -1.60 -14.30 28.98
C SER A 87 -2.36 -15.04 27.89
N GLY A 88 -2.61 -14.40 26.75
CA GLY A 88 -3.51 -14.96 25.77
C GLY A 88 -4.97 -14.87 26.13
N ARG A 89 -5.32 -14.13 27.18
CA ARG A 89 -6.72 -13.94 27.51
C ARG A 89 -7.38 -13.02 26.50
N LEU A 90 -8.53 -13.43 25.98
CA LEU A 90 -9.32 -12.57 25.10
C LEU A 90 -9.95 -11.44 25.91
N ILE A 91 -9.56 -10.20 25.59
CA ILE A 91 -10.10 -9.03 26.28
C ILE A 91 -11.31 -8.47 25.55
N ILE A 92 -11.20 -8.30 24.23
CA ILE A 92 -12.23 -7.62 23.44
C ILE A 92 -12.35 -8.30 22.08
N ARG A 93 -13.58 -8.48 21.61
CA ARG A 93 -13.87 -8.83 20.23
C ARG A 93 -14.34 -7.56 19.53
N GLN A 94 -13.53 -7.02 18.64
CA GLN A 94 -13.85 -5.80 17.92
C GLN A 94 -14.60 -6.13 16.63
N ASP A 95 -15.84 -5.68 16.53
CA ASP A 95 -16.70 -6.04 15.41
C ASP A 95 -16.22 -5.41 14.11
N LEU A 96 -16.12 -6.23 13.06
CA LEU A 96 -15.71 -5.76 11.73
C LEU A 96 -16.87 -5.72 10.74
N SER A 97 -18.13 -5.82 11.21
CA SER A 97 -19.26 -5.97 10.30
C SER A 97 -19.38 -4.80 9.33
N GLU A 98 -19.14 -3.57 9.80
CA GLU A 98 -19.20 -2.42 8.89
C GLU A 98 -18.01 -2.40 7.94
N VAL A 99 -16.81 -2.65 8.47
CA VAL A 99 -15.60 -2.65 7.65
C VAL A 99 -15.73 -3.68 6.53
N CYS A 100 -16.39 -4.80 6.80
CA CYS A 100 -16.50 -5.88 5.83
C CYS A 100 -17.86 -5.94 5.13
N GLU A 101 -18.64 -4.86 5.18
CA GLU A 101 -19.86 -4.77 4.37
C GLU A 101 -19.54 -5.00 2.90
N GLN A 102 -18.44 -4.43 2.43
CA GLN A 102 -17.90 -4.59 1.09
C GLN A 102 -16.59 -5.34 1.15
N PRO A 103 -16.17 -5.97 0.06
CA PRO A 103 -15.01 -6.87 0.11
C PRO A 103 -13.73 -6.19 0.55
N ASN A 104 -12.94 -6.91 1.34
CA ASN A 104 -11.54 -6.62 1.57
C ASN A 104 -10.74 -7.85 1.16
N TYR A 105 -9.50 -7.65 0.73
CA TYR A 105 -8.62 -8.77 0.41
C TYR A 105 -7.43 -8.81 1.36
N LEU A 106 -6.93 -10.02 1.59
CA LEU A 106 -5.64 -10.24 2.24
C LEU A 106 -4.99 -11.41 1.51
N LEU A 107 -3.78 -11.20 0.99
CA LEU A 107 -3.12 -12.22 0.16
C LEU A 107 -1.64 -11.91 0.07
N PRO A 108 -0.80 -12.92 -0.21
CA PRO A 108 0.62 -12.65 -0.44
C PRO A 108 0.80 -11.59 -1.52
N ARG A 109 1.71 -10.65 -1.27
CA ARG A 109 1.98 -9.62 -2.28
C ARG A 109 2.29 -10.25 -3.63
N SER A 110 3.08 -11.33 -3.64
CA SER A 110 3.48 -11.92 -4.91
C SER A 110 2.30 -12.47 -5.68
N GLU A 111 1.25 -12.94 -4.98
CA GLU A 111 0.05 -13.40 -5.67
C GLU A 111 -0.78 -12.24 -6.23
N LEU A 112 -0.85 -11.13 -5.49
CA LEU A 112 -1.56 -9.96 -6.00
C LEU A 112 -0.87 -9.42 -7.24
N ILE A 113 0.47 -9.35 -7.20
CA ILE A 113 1.24 -8.91 -8.35
C ILE A 113 0.95 -9.81 -9.55
N ARG A 114 1.02 -11.13 -9.33
CA ARG A 114 0.78 -12.07 -10.43
C ARG A 114 -0.59 -11.85 -11.07
N VAL A 115 -1.63 -11.74 -10.24
CA VAL A 115 -2.98 -11.56 -10.79
C VAL A 115 -3.08 -10.27 -11.59
N MET A 116 -2.54 -9.17 -11.05
CA MET A 116 -2.60 -7.89 -11.73
C MET A 116 -1.74 -7.92 -13.01
N TYR A 117 -0.56 -8.53 -12.93
CA TYR A 117 0.32 -8.65 -14.08
C TYR A 117 -0.36 -9.40 -15.23
N GLU A 118 -1.00 -10.53 -14.91
CA GLU A 118 -1.64 -11.30 -15.98
C GLU A 118 -2.76 -10.51 -16.63
N HIS A 119 -3.52 -9.76 -15.85
CA HIS A 119 -4.61 -8.99 -16.42
C HIS A 119 -4.06 -7.87 -17.29
N ALA A 120 -3.01 -7.20 -16.80
CA ALA A 120 -2.39 -6.13 -17.58
C ALA A 120 -1.92 -6.65 -18.94
N LEU A 121 -1.26 -7.81 -18.96
CA LEU A 121 -0.86 -8.38 -20.25
C LEU A 121 -2.08 -8.69 -21.12
N LYS A 122 -3.12 -9.27 -20.51
CA LYS A 122 -4.28 -9.66 -21.29
C LYS A 122 -4.92 -8.47 -22.02
N ILE A 123 -4.98 -7.30 -21.36
CA ILE A 123 -5.68 -6.16 -21.94
C ILE A 123 -4.78 -5.30 -22.80
N GLY A 124 -3.54 -5.68 -23.00
CA GLY A 124 -2.68 -5.02 -23.95
C GLY A 124 -1.73 -3.97 -23.39
N VAL A 125 -1.50 -3.96 -22.07
CA VAL A 125 -0.40 -3.15 -21.55
C VAL A 125 0.91 -3.69 -22.11
N GLU A 126 1.74 -2.78 -22.62
CA GLU A 126 3.08 -3.16 -23.04
C GLU A 126 4.01 -3.11 -21.83
N ILE A 127 4.62 -4.25 -21.52
CA ILE A 127 5.45 -4.41 -20.33
C ILE A 127 6.88 -4.75 -20.73
N SER A 128 7.83 -4.02 -20.19
CA SER A 128 9.24 -4.29 -20.40
C SER A 128 9.92 -4.48 -19.05
N LEU A 129 10.21 -5.73 -18.72
CA LEU A 129 10.96 -6.09 -17.52
C LEU A 129 12.45 -6.05 -17.80
N GLY A 130 13.23 -5.96 -16.72
CA GLY A 130 14.67 -5.85 -16.88
C GLY A 130 15.12 -4.48 -17.34
N VAL A 131 14.33 -3.44 -17.10
CA VAL A 131 14.65 -2.09 -17.53
C VAL A 131 14.71 -1.18 -16.32
N GLU A 132 15.88 -0.57 -16.11
CA GLU A 132 16.03 0.52 -15.16
C GLU A 132 15.78 1.84 -15.90
N VAL A 133 14.74 2.56 -15.48
CA VAL A 133 14.41 3.85 -16.08
C VAL A 133 15.22 4.94 -15.42
N CYS A 134 15.80 5.83 -16.24
CA CYS A 134 16.67 6.90 -15.78
C CYS A 134 16.30 8.18 -16.52
N GLU A 135 16.79 9.31 -15.99
CA GLU A 135 16.88 10.56 -16.74
C GLU A 135 15.57 10.98 -17.42
N PRO A 136 14.52 11.25 -16.66
CA PRO A 136 13.30 11.78 -17.26
C PRO A 136 13.48 13.22 -17.71
N SER A 137 12.80 13.60 -18.78
CA SER A 137 12.71 14.99 -19.17
C SER A 137 11.33 15.27 -19.75
N GLU A 138 11.00 16.56 -19.86
CA GLU A 138 9.68 17.02 -20.30
C GLU A 138 9.79 18.42 -20.88
N ASP A 139 8.82 18.77 -21.71
CA ASP A 139 8.59 20.15 -22.14
C ASP A 139 7.08 20.31 -22.29
N GLU A 140 6.65 21.38 -22.97
CA GLU A 140 5.21 21.61 -23.09
C GLU A 140 4.50 20.61 -23.99
N GLU A 141 5.24 19.83 -24.79
CA GLU A 141 4.65 18.91 -25.73
C GLU A 141 4.71 17.44 -25.33
N GLY A 142 5.68 17.03 -24.51
CA GLY A 142 5.82 15.61 -24.25
C GLY A 142 6.88 15.33 -23.21
N ALA A 143 7.10 14.05 -22.96
CA ALA A 143 8.07 13.63 -21.97
C ALA A 143 8.87 12.47 -22.55
N SER A 144 10.00 12.20 -21.94
CA SER A 144 10.76 11.04 -22.35
C SER A 144 11.58 10.53 -21.16
N VAL A 145 11.99 9.27 -21.27
CA VAL A 145 12.84 8.63 -20.28
C VAL A 145 13.90 7.82 -21.03
N VAL A 146 14.94 7.43 -20.31
CA VAL A 146 15.95 6.51 -20.82
C VAL A 146 15.67 5.14 -20.26
N ALA A 147 15.47 4.16 -21.13
CA ALA A 147 15.34 2.76 -20.73
C ALA A 147 16.73 2.11 -20.74
N LEU A 148 17.24 1.76 -19.57
CA LEU A 148 18.58 1.16 -19.46
C LEU A 148 18.43 -0.35 -19.23
N THR A 149 18.89 -1.15 -20.19
CA THR A 149 18.84 -2.60 -20.01
C THR A 149 20.17 -3.10 -19.45
N ARG A 150 20.17 -4.36 -19.01
CA ARG A 150 21.27 -4.85 -18.18
C ARG A 150 22.57 -5.00 -18.95
N ASP A 151 22.51 -5.04 -20.27
CA ASP A 151 23.71 -5.02 -21.09
C ASP A 151 24.31 -3.62 -21.21
N GLY A 152 23.73 -2.62 -20.54
CA GLY A 152 24.21 -1.26 -20.63
C GLY A 152 23.66 -0.45 -21.79
N GLU A 153 22.77 -1.03 -22.59
CA GLU A 153 22.20 -0.29 -23.71
C GLU A 153 21.15 0.69 -23.23
N ARG A 154 21.13 1.86 -23.87
CA ARG A 154 20.21 2.94 -23.53
C ARG A 154 19.27 3.18 -24.70
N GLN A 155 17.97 3.17 -24.42
CA GLN A 155 16.94 3.44 -25.41
C GLN A 155 16.05 4.59 -24.92
N ILE A 156 15.89 5.61 -25.75
CA ILE A 156 14.97 6.71 -25.45
C ILE A 156 13.54 6.22 -25.68
N VAL A 157 12.66 6.52 -24.73
CA VAL A 157 11.24 6.21 -24.85
C VAL A 157 10.44 7.50 -24.65
N ARG A 158 9.57 7.81 -25.60
CA ARG A 158 8.80 9.06 -25.57
C ARG A 158 7.34 8.78 -25.25
N GLY A 159 6.72 9.71 -24.53
CA GLY A 159 5.30 9.58 -24.25
C GLY A 159 4.69 10.94 -23.97
N ASP A 160 3.37 10.93 -23.74
CA ASP A 160 2.69 12.16 -23.36
C ASP A 160 2.94 12.57 -21.91
N PHE A 161 3.12 11.59 -21.02
CA PHE A 161 3.52 11.90 -19.65
C PHE A 161 4.07 10.63 -18.99
N ILE A 162 4.72 10.83 -17.85
CA ILE A 162 5.40 9.76 -17.12
C ILE A 162 4.72 9.57 -15.77
N ILE A 163 4.26 8.34 -15.51
CA ILE A 163 3.76 7.98 -14.18
C ILE A 163 4.93 7.38 -13.39
N CYS A 164 5.30 8.04 -12.30
CA CYS A 164 6.45 7.60 -11.51
C CYS A 164 5.91 6.78 -10.34
N SER A 165 5.85 5.47 -10.52
CA SER A 165 5.37 4.58 -9.48
C SER A 165 6.51 3.68 -9.01
N ASP A 166 7.67 4.29 -8.72
CA ASP A 166 8.88 3.50 -8.49
C ASP A 166 9.21 3.34 -7.00
N GLY A 167 8.21 3.52 -6.12
CA GLY A 167 8.34 3.05 -4.75
C GLY A 167 9.04 4.03 -3.82
N VAL A 168 9.26 3.55 -2.58
CA VAL A 168 9.72 4.44 -1.52
C VAL A 168 11.12 4.99 -1.82
N HIS A 169 11.95 4.25 -2.57
CA HIS A 169 13.29 4.71 -2.92
C HIS A 169 13.34 5.30 -4.32
N SER A 170 12.21 5.85 -4.77
CA SER A 170 12.07 6.48 -6.09
C SER A 170 13.22 7.40 -6.45
N LYS A 171 13.87 7.10 -7.56
CA LYS A 171 14.82 8.04 -8.14
C LYS A 171 14.14 9.05 -9.06
N MET A 172 12.91 8.75 -9.51
CA MET A 172 12.16 9.74 -10.26
C MET A 172 11.81 10.94 -9.40
N ARG A 173 11.73 10.74 -8.09
CA ARG A 173 11.22 11.78 -7.19
C ARG A 173 12.07 13.06 -7.28
N LYS A 174 13.37 12.93 -7.48
CA LYS A 174 14.21 14.13 -7.52
C LYS A 174 13.97 14.98 -8.77
N ALA A 175 13.33 14.43 -9.81
CA ALA A 175 12.92 15.28 -10.93
C ALA A 175 11.81 16.24 -10.55
N ILE A 176 11.16 16.03 -9.41
CA ILE A 176 10.13 16.92 -8.88
C ILE A 176 10.63 17.64 -7.64
N MET A 177 11.22 16.90 -6.70
CA MET A 177 11.71 17.43 -5.43
C MET A 177 13.21 17.14 -5.36
N PRO A 178 14.05 18.01 -5.96
CA PRO A 178 15.49 17.68 -6.03
C PRO A 178 16.19 17.69 -4.68
N GLN A 179 15.72 18.48 -3.72
CA GLN A 179 16.29 18.45 -2.37
C GLN A 179 15.45 17.50 -1.52
N PRO A 180 15.93 16.29 -1.23
CA PRO A 180 15.09 15.30 -0.55
C PRO A 180 15.12 15.50 0.96
N VAL A 181 13.93 15.50 1.57
CA VAL A 181 13.82 15.50 3.02
C VAL A 181 14.05 14.07 3.52
N GLU A 182 14.61 13.96 4.72
CA GLU A 182 14.94 12.63 5.21
C GLU A 182 13.83 12.13 6.13
N PRO A 183 13.39 10.88 5.98
CA PRO A 183 12.38 10.35 6.90
C PRO A 183 12.96 10.21 8.29
N ARG A 184 12.10 10.42 9.30
CA ARG A 184 12.79 10.18 10.57
C ARG A 184 12.35 8.86 11.18
N PRO A 185 13.27 8.16 11.85
CA PRO A 185 12.92 6.87 12.44
C PRO A 185 11.94 7.09 13.58
N SER A 186 10.98 6.17 13.69
CA SER A 186 10.03 6.22 14.79
C SER A 186 10.58 5.58 16.06
N GLY A 187 11.65 4.80 15.95
CA GLY A 187 12.10 3.99 17.06
C GLY A 187 11.45 2.62 17.13
N TYR A 188 10.63 2.28 16.14
CA TYR A 188 9.93 1.01 16.07
C TYR A 188 10.23 0.34 14.75
N ALA A 189 10.07 -0.99 14.74
CA ALA A 189 10.21 -1.78 13.53
C ALA A 189 9.19 -2.90 13.59
N ALA A 190 9.02 -3.61 12.47
CA ALA A 190 8.05 -4.69 12.41
C ALA A 190 8.71 -5.95 11.89
N PHE A 191 8.79 -6.98 12.73
CA PHE A 191 9.04 -8.33 12.25
C PHE A 191 7.82 -8.81 11.50
N ARG A 192 8.02 -9.45 10.34
CA ARG A 192 6.84 -9.91 9.63
C ARG A 192 7.25 -10.99 8.64
N ALA A 193 6.35 -11.95 8.43
CA ALA A 193 6.61 -13.02 7.49
C ALA A 193 5.35 -13.82 7.22
N LEU A 194 5.38 -14.60 6.13
CA LEU A 194 4.47 -15.71 5.94
C LEU A 194 4.97 -16.93 6.72
N VAL A 195 4.03 -17.77 7.13
CA VAL A 195 4.36 -19.06 7.74
C VAL A 195 4.40 -20.13 6.67
N ASP A 196 5.33 -21.08 6.78
CA ASP A 196 5.33 -22.20 5.83
C ASP A 196 4.15 -23.12 6.17
N THR A 197 3.13 -23.13 5.31
CA THR A 197 1.91 -23.87 5.62
C THR A 197 2.16 -25.36 5.76
N GLU A 198 3.09 -25.89 4.95
CA GLU A 198 3.34 -27.33 4.96
C GLU A 198 3.87 -27.79 6.31
N THR A 199 4.92 -27.14 6.81
CA THR A 199 5.47 -27.56 8.11
C THR A 199 4.54 -27.16 9.25
N LEU A 200 3.79 -26.07 9.09
CA LEU A 200 2.75 -25.72 10.06
C LEU A 200 1.73 -26.85 10.21
N LYS A 201 1.19 -27.31 9.09
CA LYS A 201 0.48 -28.59 9.11
C LYS A 201 1.48 -29.67 9.55
N GLY A 202 1.01 -30.63 10.32
CA GLY A 202 1.95 -31.62 10.78
C GLY A 202 2.76 -31.23 12.00
N ASP A 203 2.61 -30.01 12.52
CA ASP A 203 3.01 -29.74 13.89
C ASP A 203 1.78 -29.83 14.78
N PRO A 204 1.62 -30.90 15.56
CA PRO A 204 0.44 -31.00 16.44
C PRO A 204 0.32 -29.86 17.44
N GLU A 205 1.44 -29.25 17.85
CA GLU A 205 1.34 -28.17 18.82
C GLU A 205 0.84 -26.87 18.20
N ALA A 206 0.81 -26.78 16.88
CA ALA A 206 0.26 -25.61 16.19
C ALA A 206 -1.16 -25.84 15.67
N SER A 207 -1.72 -27.04 15.89
CA SER A 207 -3.03 -27.39 15.33
C SER A 207 -4.11 -26.39 15.70
N TRP A 208 -4.00 -25.78 16.88
CA TRP A 208 -5.01 -24.82 17.33
C TRP A 208 -5.22 -23.69 16.33
N VAL A 209 -4.18 -23.30 15.58
CA VAL A 209 -4.28 -22.13 14.74
C VAL A 209 -5.21 -22.37 13.56
N PHE A 210 -5.50 -23.62 13.22
CA PHE A 210 -6.42 -23.92 12.13
C PHE A 210 -7.90 -23.87 12.53
N GLU A 211 -8.21 -23.73 13.81
CA GLU A 211 -9.61 -23.78 14.23
C GLU A 211 -10.43 -22.70 13.53
N GLY A 212 -11.47 -23.15 12.82
CA GLY A 212 -12.43 -22.25 12.20
C GLY A 212 -11.98 -21.49 10.98
N VAL A 213 -10.72 -21.64 10.55
CA VAL A 213 -10.23 -20.79 9.46
C VAL A 213 -10.85 -21.08 8.11
N GLU A 214 -11.56 -22.20 7.94
CA GLU A 214 -12.24 -22.38 6.68
C GLU A 214 -13.52 -21.54 6.58
N GLU A 215 -14.10 -21.16 7.73
CA GLU A 215 -15.28 -20.30 7.73
C GLU A 215 -14.95 -18.86 8.02
N ASN A 216 -13.97 -18.58 8.87
CA ASN A 216 -13.64 -17.21 9.27
C ASN A 216 -12.13 -17.09 9.43
N ASP A 217 -11.52 -16.25 8.59
CA ASP A 217 -10.09 -16.01 8.67
C ASP A 217 -9.68 -15.66 10.10
N ARG A 218 -8.57 -16.26 10.55
CA ARG A 218 -8.01 -15.85 11.84
C ARG A 218 -7.57 -14.39 11.81
N PHE A 219 -7.85 -13.66 12.89
CA PHE A 219 -7.40 -12.28 13.06
C PHE A 219 -7.22 -12.07 14.56
N ASP A 220 -6.09 -12.55 15.07
CA ASP A 220 -5.75 -12.48 16.48
C ASP A 220 -4.70 -11.38 16.68
N VAL A 221 -4.91 -10.53 17.68
CA VAL A 221 -3.92 -9.54 18.06
C VAL A 221 -3.53 -9.80 19.52
N PHE A 222 -2.24 -9.63 19.82
CA PHE A 222 -1.70 -9.86 21.15
C PHE A 222 -0.84 -8.67 21.54
N PHE A 223 -1.09 -8.12 22.73
CA PHE A 223 -0.31 -7.00 23.27
C PHE A 223 0.55 -7.49 24.43
N LEU A 224 1.86 -7.43 24.26
CA LEU A 224 2.83 -7.70 25.29
C LEU A 224 3.66 -6.45 25.47
N SER A 225 4.30 -6.31 26.63
CA SER A 225 5.25 -5.21 26.75
C SER A 225 6.27 -5.30 25.61
N GLY A 226 6.39 -4.22 24.86
CA GLY A 226 7.33 -4.14 23.76
C GLY A 226 6.92 -4.86 22.49
N ALA A 227 5.66 -5.28 22.34
CA ALA A 227 5.30 -6.03 21.14
C ALA A 227 3.82 -5.87 20.84
N GLN A 228 3.49 -5.59 19.58
CA GLN A 228 2.10 -5.66 19.11
C GLN A 228 2.09 -6.71 18.01
N ILE A 229 1.41 -7.83 18.25
CA ILE A 229 1.53 -8.99 17.39
C ILE A 229 0.18 -9.29 16.76
N ALA A 230 0.16 -9.52 15.46
CA ALA A 230 -1.05 -10.00 14.82
C ALA A 230 -0.77 -11.31 14.11
N LEU A 231 -1.75 -12.21 14.18
CA LEU A 231 -1.70 -13.48 13.49
C LEU A 231 -2.94 -13.58 12.60
N GLN A 232 -2.73 -13.74 11.30
CA GLN A 232 -3.85 -13.76 10.38
C GLN A 232 -3.78 -14.99 9.47
N SER A 233 -4.94 -15.45 9.02
CA SER A 233 -5.02 -16.41 7.93
C SER A 233 -5.80 -15.80 6.78
N CYS A 234 -5.67 -16.42 5.60
CA CYS A 234 -6.51 -16.04 4.47
C CYS A 234 -6.65 -17.24 3.55
N ASN A 235 -7.66 -17.19 2.68
CA ASN A 235 -7.97 -18.24 1.71
C ASN A 235 -8.10 -19.61 2.39
N LYS A 236 -9.03 -19.66 3.34
CA LYS A 236 -9.42 -20.91 3.99
C LYS A 236 -8.23 -21.65 4.57
N GLY A 237 -7.33 -20.91 5.22
CA GLY A 237 -6.17 -21.50 5.86
C GLY A 237 -5.05 -21.92 4.93
N LYS A 238 -5.07 -21.53 3.66
CA LYS A 238 -3.95 -21.85 2.79
C LYS A 238 -2.72 -21.00 3.10
N VAL A 239 -2.90 -19.83 3.71
CA VAL A 239 -1.83 -18.90 3.99
C VAL A 239 -2.00 -18.38 5.42
N PHE A 240 -0.91 -18.34 6.16
CA PHE A 240 -0.86 -17.71 7.47
C PHE A 240 0.25 -16.68 7.46
N SER A 241 0.00 -15.54 8.10
CA SER A 241 0.99 -14.49 8.13
C SER A 241 0.92 -13.82 9.49
N TRP A 242 2.01 -13.16 9.86
CA TRP A 242 2.09 -12.55 11.18
C TRP A 242 2.98 -11.32 11.11
N PHE A 243 2.76 -10.39 12.04
CA PHE A 243 3.72 -9.31 12.21
C PHE A 243 3.82 -8.97 13.68
N CYS A 244 4.90 -8.28 14.03
CA CYS A 244 5.17 -7.92 15.42
C CYS A 244 5.87 -6.57 15.44
N ILE A 245 5.15 -5.54 15.85
CA ILE A 245 5.72 -4.21 16.00
C ILE A 245 6.45 -4.15 17.33
N HIS A 246 7.69 -3.69 17.31
CA HIS A 246 8.54 -3.76 18.49
C HIS A 246 9.52 -2.60 18.49
N GLN A 247 10.10 -2.32 19.65
CA GLN A 247 11.07 -1.24 19.73
C GLN A 247 12.38 -1.64 19.07
N ASP A 248 12.96 -0.72 18.29
CA ASP A 248 14.20 -1.01 17.58
C ASP A 248 14.85 0.31 17.21
N THR A 249 16.01 0.59 17.80
CA THR A 249 16.74 1.82 17.49
C THR A 249 17.89 1.58 16.52
N ARG A 250 18.03 0.37 16.00
CA ARG A 250 19.12 0.08 15.07
C ARG A 250 18.91 0.81 13.74
N ASN A 251 20.03 1.00 13.04
CA ASN A 251 20.04 1.70 11.75
C ASN A 251 19.62 0.75 10.63
N LEU A 252 18.34 0.39 10.64
CA LEU A 252 17.82 -0.59 9.69
C LEU A 252 17.43 0.08 8.37
N LEU A 253 17.68 -0.62 7.27
CA LEU A 253 17.30 -0.13 5.96
C LEU A 253 15.87 -0.56 5.63
N ASP A 254 15.12 0.33 4.99
CA ASP A 254 13.71 0.04 4.69
C ASP A 254 13.62 -0.66 3.34
N VAL A 255 14.00 -1.94 3.36
CA VAL A 255 13.90 -2.82 2.20
C VAL A 255 13.33 -4.13 2.69
N TRP A 256 12.94 -4.98 1.73
CA TRP A 256 12.25 -6.23 2.03
C TRP A 256 13.14 -7.45 1.83
N THR A 257 14.46 -7.25 1.80
CA THR A 257 15.39 -8.30 1.38
C THR A 257 16.43 -8.67 2.42
N SER A 258 16.57 -7.89 3.52
CA SER A 258 17.71 -8.06 4.39
C SER A 258 17.50 -9.22 5.36
N PRO A 259 18.59 -9.92 5.73
CA PRO A 259 18.47 -10.98 6.73
C PRO A 259 18.08 -10.42 8.09
N ALA A 260 17.21 -11.17 8.78
CA ALA A 260 16.79 -10.82 10.13
C ALA A 260 16.84 -12.07 11.01
N ASP A 261 17.05 -11.85 12.31
CA ASP A 261 17.38 -12.93 13.25
C ASP A 261 16.12 -13.46 13.92
N PRO A 262 15.64 -14.67 13.58
CA PRO A 262 14.41 -15.20 14.20
C PRO A 262 14.49 -15.28 15.72
N ASN A 263 15.68 -15.47 16.27
CA ASN A 263 15.80 -15.60 17.72
C ASN A 263 15.43 -14.31 18.43
N GLU A 264 15.57 -13.16 17.76
CA GLU A 264 15.11 -11.91 18.38
C GLU A 264 13.62 -11.95 18.66
N MET A 265 12.82 -12.52 17.76
CA MET A 265 11.38 -12.60 18.00
C MET A 265 11.07 -13.61 19.11
N LEU A 266 11.76 -14.75 19.11
CA LEU A 266 11.56 -15.72 20.18
C LEU A 266 11.89 -15.10 21.54
N ASP A 267 13.00 -14.38 21.63
CA ASP A 267 13.40 -13.77 22.90
C ASP A 267 12.34 -12.78 23.37
N LEU A 268 11.76 -12.02 22.45
CA LEU A 268 10.78 -10.99 22.82
C LEU A 268 9.54 -11.61 23.44
N ILE A 269 9.10 -12.76 22.94
CA ILE A 269 7.82 -13.32 23.37
C ILE A 269 7.94 -14.47 24.38
N LYS A 270 9.08 -15.17 24.44
CA LYS A 270 9.14 -16.36 25.27
C LYS A 270 9.06 -16.03 26.76
N VAL A 271 9.36 -14.79 27.15
CA VAL A 271 9.32 -14.40 28.55
C VAL A 271 7.92 -14.08 29.05
N TRP A 272 6.92 -14.11 28.17
CA TRP A 272 5.53 -13.90 28.58
C TRP A 272 4.72 -15.19 28.46
N PRO A 273 3.62 -15.32 29.20
CA PRO A 273 2.95 -16.63 29.28
C PRO A 273 2.47 -17.15 27.94
N ILE A 274 2.04 -16.24 27.04
CA ILE A 274 1.51 -16.66 25.75
C ILE A 274 2.60 -16.94 24.73
N GLY A 275 3.87 -16.69 25.07
CA GLY A 275 4.91 -16.74 24.05
C GLY A 275 5.09 -18.10 23.40
N GLN A 276 5.07 -19.17 24.19
CA GLN A 276 5.29 -20.50 23.63
C GLN A 276 4.20 -20.86 22.62
N ARG A 277 2.95 -20.53 22.95
CA ARG A 277 1.85 -20.83 22.02
C ARG A 277 2.00 -20.04 20.71
N LEU A 278 2.32 -18.75 20.81
CA LEU A 278 2.58 -17.97 19.59
C LEU A 278 3.74 -18.55 18.79
N TRP A 279 4.84 -18.91 19.48
CA TRP A 279 5.99 -19.46 18.78
C TRP A 279 5.67 -20.81 18.14
N SER A 280 4.69 -21.56 18.67
CA SER A 280 4.37 -22.84 18.05
C SER A 280 3.99 -22.65 16.58
N VAL A 281 3.44 -21.49 16.24
CA VAL A 281 3.08 -21.14 14.87
C VAL A 281 4.22 -20.40 14.18
N ILE A 282 4.72 -19.33 14.81
CA ILE A 282 5.69 -18.44 14.17
C ILE A 282 7.00 -19.16 13.86
N ARG A 283 7.33 -20.22 14.62
CA ARG A 283 8.56 -20.96 14.41
C ARG A 283 8.61 -21.57 13.01
N HIS A 284 7.47 -21.71 12.35
CA HIS A 284 7.44 -22.33 11.03
C HIS A 284 7.65 -21.34 9.89
N THR A 285 8.01 -20.11 10.22
CA THR A 285 8.54 -19.18 9.23
C THR A 285 9.90 -19.67 8.74
N GLN A 286 10.09 -19.69 7.43
CA GLN A 286 11.40 -20.06 6.89
C GLN A 286 12.47 -19.05 7.35
N PRO A 287 13.68 -19.51 7.69
CA PRO A 287 14.65 -18.61 8.33
C PRO A 287 15.01 -17.41 7.50
N GLN A 288 15.19 -17.60 6.20
CA GLN A 288 15.55 -16.47 5.36
C GLN A 288 14.35 -15.62 4.96
N LYS A 289 13.16 -15.89 5.50
CA LYS A 289 11.99 -15.08 5.24
C LYS A 289 11.61 -14.14 6.39
N PHE A 290 12.35 -14.17 7.50
CA PHE A 290 12.12 -13.19 8.55
C PHE A 290 12.53 -11.82 8.05
N ILE A 291 11.61 -10.86 8.08
CA ILE A 291 11.91 -9.47 7.76
C ILE A 291 11.77 -8.66 9.03
N ASN A 292 12.70 -7.75 9.26
CA ASN A 292 12.59 -6.76 10.33
C ASN A 292 12.62 -5.41 9.62
N TYR A 293 11.45 -4.80 9.45
CA TYR A 293 11.28 -3.63 8.60
C TYR A 293 11.11 -2.39 9.45
N PRO A 294 11.99 -1.39 9.35
CA PRO A 294 11.86 -0.19 10.19
C PRO A 294 10.63 0.61 9.81
N LEU A 295 9.98 1.22 10.81
CA LEU A 295 8.79 2.04 10.58
C LEU A 295 9.22 3.50 10.57
N LEU A 296 9.54 4.01 9.38
CA LEU A 296 10.03 5.38 9.22
C LEU A 296 8.86 6.34 8.95
N ASN A 297 8.98 7.56 9.48
CA ASN A 297 7.96 8.58 9.27
C ASN A 297 8.38 9.48 8.12
N HIS A 298 7.66 9.42 7.01
CA HIS A 298 7.92 10.27 5.85
C HIS A 298 6.98 11.45 5.85
N LYS A 299 7.53 12.64 5.64
CA LYS A 299 6.75 13.85 5.54
C LYS A 299 6.11 13.95 4.15
N PRO A 300 4.87 14.46 4.06
CA PRO A 300 4.30 14.74 2.74
C PRO A 300 5.24 15.59 1.90
N LEU A 301 5.29 15.30 0.61
CA LEU A 301 6.04 16.17 -0.29
C LEU A 301 5.30 17.48 -0.51
N ASP A 302 6.05 18.48 -0.96
CA ASP A 302 5.42 19.75 -1.29
C ASP A 302 4.41 19.57 -2.41
N HIS A 303 4.74 18.74 -3.40
CA HIS A 303 3.80 18.43 -4.48
C HIS A 303 4.29 17.19 -5.21
N TRP A 304 3.45 16.70 -6.14
CA TRP A 304 3.69 15.46 -6.84
C TRP A 304 3.94 15.64 -8.33
N VAL A 305 3.59 16.78 -8.90
CA VAL A 305 3.59 16.97 -10.34
C VAL A 305 4.73 17.90 -10.74
N SER A 306 5.36 17.60 -11.87
CA SER A 306 6.52 18.34 -12.35
C SER A 306 6.13 19.71 -12.93
N SER A 307 7.16 20.50 -13.29
CA SER A 307 6.97 21.89 -13.70
C SER A 307 6.16 22.03 -14.98
N HIS A 308 6.30 21.11 -15.93
CA HIS A 308 5.50 21.15 -17.14
C HIS A 308 4.30 20.24 -17.08
N GLY A 309 4.05 19.59 -15.94
CA GLY A 309 2.85 18.81 -15.79
C GLY A 309 2.84 17.52 -16.56
N ARG A 310 4.00 16.96 -16.88
CA ARG A 310 4.03 15.69 -17.61
C ARG A 310 4.78 14.59 -16.87
N LEU A 311 5.06 14.79 -15.58
CA LEU A 311 5.50 13.72 -14.69
C LEU A 311 4.70 13.82 -13.41
N ILE A 312 4.27 12.68 -12.88
CA ILE A 312 3.59 12.69 -11.60
C ILE A 312 4.08 11.53 -10.75
N LEU A 313 4.35 11.80 -9.47
CA LEU A 313 4.66 10.77 -8.50
C LEU A 313 3.36 10.22 -7.94
N ILE A 314 3.24 8.89 -7.87
CA ILE A 314 2.11 8.26 -7.17
C ILE A 314 2.63 7.10 -6.34
N GLY A 315 1.74 6.56 -5.50
CA GLY A 315 2.14 5.42 -4.67
C GLY A 315 3.17 5.81 -3.62
N ASP A 316 4.06 4.88 -3.30
CA ASP A 316 5.09 5.11 -2.28
C ASP A 316 6.14 6.10 -2.76
N ALA A 317 6.24 6.34 -4.07
CA ALA A 317 7.10 7.43 -4.53
C ALA A 317 6.58 8.79 -4.06
N ALA A 318 5.26 8.92 -3.90
CA ALA A 318 4.67 10.17 -3.44
C ALA A 318 4.41 10.19 -1.94
N HIS A 319 3.93 9.09 -1.36
CA HIS A 319 3.43 9.13 0.02
C HIS A 319 3.68 7.79 0.70
N PRO A 320 4.95 7.44 0.91
CA PRO A 320 5.27 6.18 1.61
C PRO A 320 4.58 6.13 2.96
N LEU A 321 3.92 5.02 3.22
CA LEU A 321 3.29 4.71 4.49
C LEU A 321 3.89 3.41 5.01
N SER A 322 4.02 3.31 6.32
CA SER A 322 4.54 2.08 6.90
C SER A 322 3.57 0.93 6.64
N PRO A 323 4.07 -0.30 6.52
CA PRO A 323 3.18 -1.45 6.42
C PRO A 323 2.34 -1.65 7.67
N ALA A 324 2.68 -1.01 8.78
CA ALA A 324 1.95 -1.22 10.03
C ALA A 324 0.52 -0.71 9.93
N ALA A 325 0.32 0.49 9.39
CA ALA A 325 -1.03 0.91 9.05
C ALA A 325 -1.47 0.16 7.80
N GLY A 326 -2.77 0.14 7.57
CA GLY A 326 -3.29 -0.75 6.56
C GLY A 326 -3.76 -0.11 5.27
N GLN A 327 -3.33 1.10 4.98
CA GLN A 327 -3.84 1.84 3.82
C GLN A 327 -2.80 2.15 2.76
N GLY A 328 -1.57 1.67 2.91
CA GLY A 328 -0.53 1.98 1.94
C GLY A 328 -0.84 1.61 0.50
N ALA A 329 -1.16 0.34 0.26
CA ALA A 329 -1.49 -0.11 -1.09
C ALA A 329 -2.81 0.50 -1.56
N SER A 330 -3.80 0.57 -0.67
CA SER A 330 -5.12 1.05 -1.05
C SER A 330 -5.09 2.51 -1.50
N GLN A 331 -4.32 3.36 -0.80
CA GLN A 331 -4.19 4.75 -1.23
C GLN A 331 -3.50 4.85 -2.58
N GLY A 332 -2.49 4.00 -2.82
CA GLY A 332 -1.83 4.01 -4.12
C GLY A 332 -2.77 3.60 -5.25
N ILE A 333 -3.67 2.67 -4.95
CA ILE A 333 -4.67 2.30 -5.95
C ILE A 333 -5.63 3.45 -6.22
N GLU A 334 -5.97 4.22 -5.17
CA GLU A 334 -6.76 5.43 -5.40
C GLU A 334 -6.00 6.43 -6.29
N ASP A 335 -4.68 6.57 -6.09
CA ASP A 335 -3.90 7.44 -6.98
C ASP A 335 -4.12 7.04 -8.42
N ALA A 336 -3.99 5.74 -8.69
CA ALA A 336 -4.08 5.24 -10.06
C ALA A 336 -5.46 5.50 -10.66
N ASN A 337 -6.52 5.25 -9.88
CA ASN A 337 -7.86 5.46 -10.39
C ASN A 337 -8.15 6.94 -10.64
N VAL A 338 -7.76 7.81 -9.70
CA VAL A 338 -8.07 9.23 -9.88
C VAL A 338 -7.29 9.81 -11.05
N LEU A 339 -6.02 9.41 -11.18
CA LEU A 339 -5.19 9.88 -12.28
C LEU A 339 -5.77 9.46 -13.63
N ALA A 340 -6.11 8.17 -13.76
CA ALA A 340 -6.64 7.68 -15.02
C ALA A 340 -7.98 8.32 -15.34
N THR A 341 -8.83 8.48 -14.33
CA THR A 341 -10.12 9.14 -14.53
C THR A 341 -9.91 10.60 -14.94
N SER A 342 -9.00 11.29 -14.25
CA SER A 342 -8.72 12.68 -14.58
C SER A 342 -8.18 12.82 -16.01
N LEU A 343 -7.25 11.95 -16.41
CA LEU A 343 -6.76 11.97 -17.78
C LEU A 343 -7.89 11.76 -18.77
N SER A 344 -8.81 10.84 -18.46
CA SER A 344 -9.91 10.55 -19.39
C SER A 344 -10.84 11.75 -19.52
N LEU A 345 -11.04 12.51 -18.44
CA LEU A 345 -11.92 13.67 -18.49
C LEU A 345 -11.25 14.89 -19.13
N ALA A 346 -9.93 15.00 -19.01
CA ALA A 346 -9.20 16.16 -19.54
C ALA A 346 -8.91 16.02 -21.02
N GLY A 347 -8.55 14.82 -21.47
CA GLY A 347 -8.19 14.58 -22.85
C GLY A 347 -6.72 14.83 -23.14
N ARG A 348 -6.29 14.41 -24.34
CA ARG A 348 -4.87 14.44 -24.69
C ARG A 348 -4.31 15.86 -24.83
N GLN A 349 -5.16 16.84 -25.12
CA GLN A 349 -4.67 18.22 -25.25
C GLN A 349 -4.57 18.95 -23.91
N ARG A 350 -4.93 18.30 -22.81
CA ARG A 350 -4.89 18.91 -21.48
C ARG A 350 -4.23 17.97 -20.45
N VAL A 351 -3.06 17.42 -20.82
CA VAL A 351 -2.39 16.44 -19.95
C VAL A 351 -1.95 17.09 -18.65
N SER A 352 -1.31 18.27 -18.73
CA SER A 352 -0.87 18.94 -17.50
C SER A 352 -2.06 19.23 -16.60
N LEU A 353 -3.18 19.67 -17.19
CA LEU A 353 -4.40 19.86 -16.41
C LEU A 353 -4.81 18.57 -15.72
N ALA A 354 -4.77 17.45 -16.45
CA ALA A 354 -5.17 16.17 -15.84
C ALA A 354 -4.31 15.84 -14.62
N LEU A 355 -3.00 15.98 -14.75
CA LEU A 355 -2.12 15.61 -13.64
C LEU A 355 -2.31 16.55 -12.47
N HIS A 356 -2.45 17.86 -12.74
CA HIS A 356 -2.66 18.81 -11.64
C HIS A 356 -4.01 18.63 -10.98
N VAL A 357 -5.04 18.23 -11.74
CA VAL A 357 -6.34 17.94 -11.13
C VAL A 357 -6.24 16.70 -10.22
N ALA A 358 -5.56 15.65 -10.69
CA ALA A 358 -5.43 14.43 -9.89
C ALA A 358 -4.68 14.72 -8.59
N GLU A 359 -3.60 15.51 -8.68
CA GLU A 359 -2.85 15.91 -7.50
C GLU A 359 -3.74 16.66 -6.51
N ARG A 360 -4.55 17.62 -7.00
CA ARG A 360 -5.41 18.38 -6.09
C ARG A 360 -6.45 17.47 -5.44
N ILE A 361 -6.95 16.48 -6.16
CA ILE A 361 -7.94 15.59 -5.55
C ILE A 361 -7.29 14.68 -4.51
N ARG A 362 -6.07 14.22 -4.77
CA ARG A 362 -5.49 13.16 -3.96
C ARG A 362 -4.69 13.67 -2.76
N TYR A 363 -4.10 14.88 -2.87
CA TYR A 363 -3.01 15.28 -1.97
C TYR A 363 -3.44 15.31 -0.50
N ALA A 364 -4.51 16.05 -0.17
CA ALA A 364 -4.86 16.19 1.24
C ALA A 364 -5.29 14.85 1.84
N ARG A 365 -6.09 14.08 1.11
CA ARG A 365 -6.53 12.79 1.61
C ARG A 365 -5.34 11.85 1.85
N ALA A 366 -4.45 11.71 0.84
CA ALA A 366 -3.26 10.88 1.02
C ALA A 366 -2.39 11.39 2.17
N SER A 367 -2.26 12.70 2.30
CA SER A 367 -1.38 13.24 3.34
C SER A 367 -1.95 13.01 4.72
N ALA A 368 -3.27 13.08 4.85
CA ALA A 368 -3.90 12.81 6.15
C ALA A 368 -3.66 11.37 6.57
N VAL A 369 -3.83 10.43 5.64
CA VAL A 369 -3.56 9.03 5.97
C VAL A 369 -2.10 8.86 6.38
N GLN A 370 -1.20 9.51 5.64
CA GLN A 370 0.23 9.44 5.95
C GLN A 370 0.53 9.97 7.35
N LEU A 371 0.03 11.17 7.66
CA LEU A 371 0.36 11.79 8.93
C LEU A 371 -0.25 11.02 10.10
N ILE A 372 -1.44 10.46 9.91
CA ILE A 372 -2.04 9.67 10.98
C ILE A 372 -1.26 8.39 11.20
N SER A 373 -0.74 7.80 10.12
CA SER A 373 0.03 6.56 10.25
C SER A 373 1.31 6.77 11.05
N HIS A 374 1.80 8.00 11.14
CA HIS A 374 2.98 8.26 11.97
C HIS A 374 2.73 7.91 13.42
N ARG A 375 1.48 8.04 13.89
CA ARG A 375 1.17 7.75 15.28
C ARG A 375 1.22 6.25 15.56
N VAL A 376 0.80 5.43 14.59
CA VAL A 376 0.95 3.98 14.72
C VAL A 376 2.43 3.60 14.78
N ASN A 377 3.27 4.30 14.01
CA ASN A 377 4.70 4.00 14.01
C ASN A 377 5.35 4.36 15.32
N GLU A 378 4.91 5.45 15.94
CA GLU A 378 5.53 5.90 17.17
C GLU A 378 4.89 5.29 18.41
N GLY A 379 3.96 4.36 18.24
CA GLY A 379 3.39 3.63 19.35
C GLY A 379 2.54 4.45 20.30
N TRP A 380 1.85 5.48 19.81
CA TRP A 380 1.00 6.28 20.68
C TRP A 380 -0.11 5.44 21.30
N ARG A 381 -0.53 4.38 20.62
CA ARG A 381 -1.61 3.54 21.13
C ARG A 381 -1.17 2.71 22.34
N ASN A 382 0.13 2.56 22.58
CA ASN A 382 0.58 1.65 23.61
C ASN A 382 0.34 2.22 25.00
N GLN A 383 0.12 1.32 25.96
CA GLN A 383 0.01 1.67 27.36
C GLN A 383 0.87 0.70 28.18
N ASP A 384 0.98 1.01 29.47
CA ASP A 384 1.69 0.14 30.39
C ASP A 384 0.84 -1.11 30.66
N TRP A 385 1.25 -2.26 30.10
CA TRP A 385 0.41 -3.45 30.20
C TRP A 385 0.50 -4.13 31.56
N ASP A 386 1.39 -3.68 32.46
CA ASP A 386 1.29 -4.09 33.86
C ASP A 386 0.04 -3.52 34.54
N ALA A 387 -0.51 -2.43 34.01
CA ALA A 387 -1.64 -1.74 34.63
C ALA A 387 -2.91 -1.80 33.80
N TYR A 388 -2.78 -1.74 32.48
CA TYR A 388 -3.91 -1.68 31.57
C TYR A 388 -4.05 -2.99 30.82
N GLU A 389 -5.29 -3.33 30.45
CA GLU A 389 -5.56 -4.36 29.46
C GLU A 389 -5.79 -3.69 28.11
N PRO A 390 -5.36 -4.33 27.02
CA PRO A 390 -5.59 -3.76 25.70
C PRO A 390 -7.05 -3.88 25.29
N ASN A 391 -7.51 -2.88 24.55
CA ASN A 391 -8.86 -2.98 23.97
C ASN A 391 -8.88 -2.08 22.74
N GLU A 392 -10.08 -1.65 22.35
CA GLU A 392 -10.17 -0.88 21.11
C GLU A 392 -9.38 0.42 21.17
N GLN A 393 -9.12 0.92 22.37
CA GLN A 393 -8.30 2.15 22.51
C GLN A 393 -6.93 1.93 21.86
N ASN A 394 -6.46 0.70 21.85
CA ASN A 394 -5.07 0.37 21.45
C ASN A 394 -4.95 -0.10 20.01
N ILE A 395 -6.06 -0.15 19.32
CA ILE A 395 -6.02 -0.61 17.92
C ILE A 395 -6.02 0.59 16.99
N ALA A 396 -4.97 0.77 16.21
CA ALA A 396 -4.93 1.88 15.26
C ALA A 396 -6.15 1.79 14.35
N SER A 397 -6.96 2.85 14.36
CA SER A 397 -8.32 2.82 13.80
C SER A 397 -8.37 3.26 12.34
N LEU A 398 -7.23 3.53 11.71
CA LEU A 398 -7.21 3.92 10.30
C LEU A 398 -7.99 2.95 9.41
N PRO A 399 -7.78 1.62 9.49
CA PRO A 399 -8.61 0.71 8.69
C PRO A 399 -10.08 0.68 9.12
N LEU A 400 -10.46 1.34 10.20
CA LEU A 400 -11.85 1.32 10.65
C LEU A 400 -12.59 2.60 10.35
N GLU A 401 -11.96 3.55 9.67
CA GLU A 401 -12.56 4.86 9.40
C GLU A 401 -13.40 4.79 8.13
N THR A 402 -14.71 5.00 8.28
CA THR A 402 -15.60 5.00 7.14
C THR A 402 -15.18 6.01 6.08
N TRP A 403 -14.70 7.18 6.51
CA TRP A 403 -14.33 8.20 5.52
C TRP A 403 -13.21 7.73 4.60
N ILE A 404 -12.41 6.76 5.03
CA ILE A 404 -11.38 6.18 4.19
C ILE A 404 -11.97 5.03 3.38
N TYR A 405 -12.42 3.96 4.06
CA TYR A 405 -12.77 2.76 3.32
C TYR A 405 -14.11 2.86 2.60
N GLY A 406 -15.00 3.77 2.99
CA GLY A 406 -16.25 3.88 2.27
C GLY A 406 -16.20 4.74 1.03
N HIS A 407 -15.04 5.31 0.73
CA HIS A 407 -14.93 6.33 -0.30
C HIS A 407 -14.88 5.72 -1.69
N ASP A 408 -15.52 6.41 -2.64
CA ASP A 408 -15.56 6.01 -4.06
C ASP A 408 -14.81 7.09 -4.83
N SER A 409 -13.52 6.84 -5.08
CA SER A 409 -12.66 7.88 -5.63
C SER A 409 -13.04 8.22 -7.06
N GLN A 410 -13.47 7.22 -7.85
CA GLN A 410 -13.85 7.49 -9.22
C GLN A 410 -15.10 8.37 -9.29
N ALA A 411 -16.11 8.06 -8.47
CA ALA A 411 -17.32 8.87 -8.47
C ALA A 411 -17.01 10.29 -8.01
N TYR A 412 -16.17 10.42 -6.98
CA TYR A 412 -15.77 11.74 -6.51
C TYR A 412 -15.12 12.55 -7.63
N THR A 413 -14.21 11.90 -8.36
CA THR A 413 -13.46 12.60 -9.40
C THR A 413 -14.38 13.06 -10.54
N GLU A 414 -15.31 12.19 -10.93
CA GLU A 414 -16.26 12.56 -11.97
C GLU A 414 -17.13 13.72 -11.55
N GLN A 415 -17.58 13.70 -10.29
CA GLN A 415 -18.50 14.73 -9.84
C GLN A 415 -17.78 16.06 -9.62
N GLU A 416 -16.52 16.02 -9.21
CA GLU A 416 -15.79 17.22 -8.85
C GLU A 416 -14.89 17.76 -9.94
N PHE A 417 -14.70 17.01 -11.04
CA PHE A 417 -13.67 17.35 -12.03
C PHE A 417 -13.71 18.82 -12.45
N GLU A 418 -14.88 19.31 -12.86
CA GLU A 418 -14.95 20.68 -13.39
C GLU A 418 -14.70 21.72 -12.31
N MSE A 419 -15.08 21.45 -11.07
CA MSE A 419 -14.75 22.37 -10.00
C MSE A 419 -13.25 22.42 -9.74
O MSE A 419 -12.70 23.50 -9.48
CB MSE A 419 -15.52 22.01 -8.73
CG MSE A 419 -17.03 22.14 -8.90
SE MSE A 419 -17.55 23.91 -9.63
CE MSE A 419 -17.71 23.53 -11.54
N VAL A 420 -12.57 21.26 -9.82
CA VAL A 420 -11.12 21.25 -9.64
C VAL A 420 -10.44 21.96 -10.80
N VAL A 421 -10.92 21.72 -12.03
CA VAL A 421 -10.39 22.43 -13.20
C VAL A 421 -10.47 23.94 -12.97
N ARG A 422 -11.62 24.42 -12.48
CA ARG A 422 -11.76 25.85 -12.24
C ARG A 422 -10.76 26.34 -11.20
N ALA A 423 -10.56 25.56 -10.14
CA ALA A 423 -9.58 25.97 -9.13
C ALA A 423 -8.18 26.04 -9.71
N VAL A 424 -7.82 25.06 -10.54
CA VAL A 424 -6.50 25.02 -11.15
C VAL A 424 -6.32 26.19 -12.12
N GLN A 425 -7.30 26.42 -12.99
CA GLN A 425 -7.14 27.47 -14.00
C GLN A 425 -7.30 28.88 -13.46
N GLU A 426 -7.98 29.05 -12.32
CA GLU A 426 -8.13 30.36 -11.72
C GLU A 426 -7.11 30.62 -10.63
N GLY A 427 -6.28 29.62 -10.30
CA GLY A 427 -5.28 29.80 -9.27
C GLY A 427 -5.89 29.93 -7.90
N GLU A 428 -6.98 29.22 -7.66
CA GLU A 428 -7.64 29.18 -6.36
C GLU A 428 -7.32 27.85 -5.67
N GLU A 429 -7.33 27.87 -4.34
CA GLU A 429 -7.16 26.63 -3.60
C GLU A 429 -8.40 25.76 -3.76
N TYR A 430 -8.18 24.47 -4.01
CA TYR A 430 -9.27 23.50 -4.06
C TYR A 430 -9.39 22.82 -2.70
N HIS A 431 -10.58 22.88 -2.11
CA HIS A 431 -10.81 22.29 -0.78
C HIS A 431 -11.57 20.98 -0.96
N ALA A 432 -10.82 19.88 -0.97
CA ALA A 432 -11.39 18.58 -1.22
C ALA A 432 -12.25 18.16 -0.03
N THR A 433 -13.32 17.43 -0.32
CA THR A 433 -14.21 16.91 0.71
C THR A 433 -14.13 15.39 0.82
N ASN A 434 -13.06 14.80 0.31
CA ASN A 434 -12.79 13.37 0.48
C ASN A 434 -11.95 13.09 1.72
N LEU A 435 -11.93 14.02 2.66
CA LEU A 435 -11.45 13.80 4.01
C LEU A 435 -12.23 14.75 4.91
N PRO A 436 -12.28 14.47 6.22
CA PRO A 436 -13.00 15.39 7.12
C PRO A 436 -12.30 16.73 7.20
N ASP A 437 -13.11 17.81 7.18
CA ASP A 437 -12.54 19.16 7.16
C ASP A 437 -11.69 19.45 8.40
N LYS A 438 -12.16 19.02 9.57
CA LYS A 438 -11.38 19.25 10.79
C LYS A 438 -10.00 18.63 10.68
N LEU A 439 -9.87 17.55 9.92
CA LEU A 439 -8.63 16.79 9.86
C LEU A 439 -7.51 17.59 9.20
N ARG A 440 -7.82 18.22 8.06
CA ARG A 440 -6.80 18.89 7.26
C ARG A 440 -6.06 19.95 8.09
N VAL A 441 -6.81 20.75 8.83
CA VAL A 441 -6.18 21.80 9.61
C VAL A 441 -5.55 21.26 10.89
N GLN A 442 -6.16 20.22 11.49
CA GLN A 442 -5.60 19.63 12.69
C GLN A 442 -4.22 19.04 12.44
N LEU A 443 -4.02 18.43 11.27
CA LEU A 443 -2.77 17.78 10.93
C LEU A 443 -1.74 18.70 10.28
N GLY A 444 -2.10 19.96 10.03
CA GLY A 444 -1.17 20.87 9.41
C GLY A 444 -0.90 20.57 7.95
N ILE A 445 -1.87 20.01 7.24
CA ILE A 445 -1.72 19.76 5.81
C ILE A 445 -1.85 21.08 5.07
N ARG A 446 -0.86 21.38 4.23
CA ARG A 446 -0.87 22.60 3.41
C ARG A 446 -1.21 22.20 1.98
N ASN A 447 -2.29 22.77 1.44
CA ASN A 447 -2.70 22.48 0.08
C ASN A 447 -1.58 22.79 -0.91
N VAL A 448 -1.54 22.03 -2.00
CA VAL A 448 -0.55 22.25 -3.05
C VAL A 448 -0.85 23.57 -3.75
PA FAD B . 6.64 -0.68 -4.67
O1A FAD B . 7.84 -0.48 -3.83
O2A FAD B . 5.70 -1.78 -4.33
O5B FAD B . 7.06 -0.94 -6.15
C5B FAD B . 8.04 -0.11 -6.81
C4B FAD B . 8.54 -0.87 -8.03
O4B FAD B . 9.30 0.03 -8.87
C3B FAD B . 9.43 -2.08 -7.74
O3B FAD B . 8.95 -3.23 -8.43
C2B FAD B . 10.82 -1.61 -8.21
O2B FAD B . 11.61 -2.67 -8.72
C1B FAD B . 10.44 -0.66 -9.34
N9A FAD B . 11.45 0.34 -9.69
C8A FAD B . 12.11 1.18 -8.83
N7A FAD B . 12.93 2.00 -9.43
C5A FAD B . 12.80 1.68 -10.77
C6A FAD B . 13.39 2.21 -11.94
N6A FAD B . 14.28 3.20 -11.93
N1A FAD B . 13.02 1.68 -13.13
C2A FAD B . 12.15 0.68 -13.14
N3A FAD B . 11.50 0.11 -12.11
C4A FAD B . 11.89 0.66 -10.95
N1 FAD B . 4.20 -4.12 1.69
C2 FAD B . 3.47 -4.83 2.60
O2 FAD B . 2.56 -4.31 3.26
N3 FAD B . 3.74 -6.18 2.78
C4 FAD B . 4.72 -6.92 2.12
O4 FAD B . 4.87 -8.11 2.39
C4X FAD B . 5.49 -6.15 1.16
N5 FAD B . 6.45 -6.75 0.49
C5X FAD B . 7.16 -6.01 -0.44
C6 FAD B . 8.18 -6.62 -1.18
C7 FAD B . 8.92 -5.90 -2.11
C7M FAD B . 10.00 -6.59 -2.89
C8 FAD B . 8.63 -4.54 -2.33
C8M FAD B . 9.43 -3.73 -3.33
C9 FAD B . 7.62 -3.92 -1.60
C9A FAD B . 6.89 -4.64 -0.66
N10 FAD B . 5.87 -4.04 0.10
C10 FAD B . 5.14 -4.76 1.01
C1' FAD B . 5.54 -2.62 -0.08
C2' FAD B . 4.27 -2.40 -0.89
O2' FAD B . 4.42 -2.97 -2.19
C3' FAD B . 3.99 -0.90 -0.99
O3' FAD B . 4.05 -0.35 0.32
C4' FAD B . 2.64 -0.53 -1.60
O4' FAD B . 1.64 -1.50 -1.28
C5' FAD B . 2.73 -0.31 -3.10
O5' FAD B . 3.76 0.68 -3.35
P FAD B . 4.25 0.99 -4.81
O1P FAD B . 4.10 2.51 -4.93
O2P FAD B . 3.63 0.13 -5.88
O3P FAD B . 5.80 0.67 -4.73
N MB5 C . -4.64 -1.86 13.98
C MB5 C . -3.45 -1.89 14.60
O MB5 C . -3.16 -1.16 15.53
C1 MB5 C . -2.52 -2.97 14.04
C10 MB5 C . -9.29 -4.99 8.50
C11 MB5 C . -7.93 -5.12 8.25
C12 MB5 C . -7.05 -4.55 9.15
C13 MB5 C . -5.25 -3.81 10.27
C14 MB5 C . -3.80 -3.53 10.59
C15 MB5 C . -3.11 -4.89 10.71
C16 MB5 C . -3.20 -2.82 9.36
C17 MB5 C . -4.62 -4.22 13.64
C18 MB5 C . -3.08 -4.63 15.53
C19 MB5 C . -1.66 -4.22 15.91
C2 MB5 C . -2.33 -2.65 12.53
C20 MB5 C . -1.24 -3.19 14.85
C3 MB5 C . -3.71 -2.64 11.87
C4 MB5 C . -4.85 -2.87 12.93
C5 MB5 C . -6.22 -2.65 12.29
C6 MB5 C . -6.33 -3.42 11.00
C7 MB5 C . -7.50 -3.88 10.31
C8 MB5 C . -8.86 -3.78 10.53
C9 MB5 C . -9.77 -4.34 9.64
N1 MB5 C . -5.67 -4.50 9.15
N2 MB5 C . -3.24 -4.26 14.12
CL MB5 C . -10.42 -5.64 7.34
#